data_5Z50
#
_entry.id   5Z50
#
_cell.length_a   65.718
_cell.length_b   65.718
_cell.length_c   259.380
_cell.angle_alpha   90.00
_cell.angle_beta   90.00
_cell.angle_gamma   90.00
#
_symmetry.space_group_name_H-M   'P 43 21 2'
#
loop_
_entity.id
_entity.type
_entity.pdbx_description
1 polymer 'Cys regulon transcriptional activator'
2 non-polymer 'SULFATE ION'
3 non-polymer GLYCEROL
4 water water
#
_entity_poly.entity_id   1
_entity_poly.type   'polypeptide(L)'
_entity_poly.pdbx_seq_one_letter_code
;SNEKKGTLSIATTHTQARYALPNVISGFIKQYPDVSLHMHQGTPMQIAEMAADGTVDFAIATEALELFGDLIMMPCYRWN
RCVIVPHGHPLTKLPKLTLEALAEQPIVTYVFGFTGRSKLDEAFSQRGLVPKVVFTAADADVIKTYVRLGLGVGIVAHMA
VDPKLDNDLVILDASHLFESSVTKIGFRRGTFLRGFMCDFIEKFAPHLTRELLAKAVQCHNKAELDELFDGIELPVY
;
_entity_poly.pdbx_strand_id   A,B
#
loop_
_chem_comp.id
_chem_comp.type
_chem_comp.name
_chem_comp.formula
GOL non-polymer GLYCEROL 'C3 H8 O3'
SO4 non-polymer 'SULFATE ION' 'O4 S -2'
#
# COMPACT_ATOMS: atom_id res chain seq x y z
N GLY A 6 9.05 28.29 3.39
CA GLY A 6 9.51 27.47 2.30
C GLY A 6 8.72 26.18 2.12
N THR A 7 9.27 25.22 1.39
CA THR A 7 8.58 23.97 1.10
C THR A 7 9.48 22.79 1.40
N LEU A 8 8.90 21.75 1.98
CA LEU A 8 9.57 20.48 2.19
C LEU A 8 8.72 19.40 1.54
N SER A 9 9.35 18.59 0.69
CA SER A 9 8.62 17.65 -0.16
C SER A 9 9.28 16.29 -0.05
N ILE A 10 8.50 15.28 0.35
CA ILE A 10 9.03 13.97 0.69
C ILE A 10 8.26 12.92 -0.09
N ALA A 11 8.99 11.98 -0.69
CA ALA A 11 8.41 10.82 -1.33
C ALA A 11 8.95 9.58 -0.65
N THR A 12 8.05 8.69 -0.24
CA THR A 12 8.44 7.55 0.57
C THR A 12 7.49 6.38 0.33
N THR A 13 7.60 5.37 1.17
CA THR A 13 6.91 4.11 1.01
C THR A 13 5.93 3.90 2.16
N HIS A 14 5.12 2.85 2.03
CA HIS A 14 4.21 2.47 3.10
C HIS A 14 4.96 2.23 4.41
N THR A 15 6.03 1.45 4.37
CA THR A 15 6.75 1.11 5.59
C THR A 15 7.14 2.37 6.37
N GLN A 16 7.74 3.35 5.69
CA GLN A 16 8.21 4.54 6.39
C GLN A 16 7.07 5.49 6.71
N ALA A 17 6.19 5.75 5.73
CA ALA A 17 5.06 6.65 5.97
C ALA A 17 4.23 6.18 7.15
N ARG A 18 4.10 4.87 7.32
CA ARG A 18 3.17 4.34 8.28
C ARG A 18 3.82 4.00 9.61
N TYR A 19 5.11 3.65 9.63
CA TYR A 19 5.74 3.23 10.87
C TYR A 19 6.93 4.07 11.33
N ALA A 20 7.62 4.77 10.43
CA ALA A 20 8.84 5.48 10.80
C ALA A 20 8.69 6.99 10.84
N LEU A 21 7.76 7.57 10.09
CA LEU A 21 7.67 9.01 9.95
C LEU A 21 6.65 9.78 10.78
N PRO A 22 5.55 9.18 11.28
CA PRO A 22 4.52 10.04 11.90
C PRO A 22 5.02 10.91 13.04
N ASN A 23 5.87 10.41 13.93
CA ASN A 23 6.29 11.25 15.05
C ASN A 23 7.27 12.33 14.59
N VAL A 24 8.14 12.01 13.63
CA VAL A 24 9.02 13.06 13.14
C VAL A 24 8.24 14.09 12.33
N ILE A 25 7.17 13.66 11.64
CA ILE A 25 6.38 14.63 10.88
C ILE A 25 5.62 15.53 11.84
N SER A 26 5.04 14.96 12.90
CA SER A 26 4.43 15.77 13.93
C SER A 26 5.42 16.79 14.48
N GLY A 27 6.61 16.33 14.86
CA GLY A 27 7.60 17.24 15.39
C GLY A 27 7.99 18.33 14.41
N PHE A 28 8.19 17.95 13.15
CA PHE A 28 8.56 18.94 12.15
C PHE A 28 7.47 20.00 12.01
N ILE A 29 6.22 19.56 11.95
CA ILE A 29 5.13 20.50 11.73
C ILE A 29 4.98 21.43 12.92
N LYS A 30 5.22 20.93 14.14
CA LYS A 30 5.16 21.78 15.32
C LYS A 30 6.31 22.78 15.32
N GLN A 31 7.49 22.36 14.89
CA GLN A 31 8.63 23.27 14.89
C GLN A 31 8.58 24.24 13.72
N TYR A 32 8.06 23.82 12.56
CA TYR A 32 8.02 24.68 11.38
C TYR A 32 6.58 24.80 10.88
N PRO A 33 5.74 25.55 11.60
CA PRO A 33 4.33 25.66 11.19
C PRO A 33 4.14 26.27 9.82
N ASP A 34 5.08 27.08 9.34
CA ASP A 34 4.87 27.82 8.09
C ASP A 34 5.71 27.30 6.93
N VAL A 35 6.34 26.14 7.06
CA VAL A 35 6.90 25.45 5.90
C VAL A 35 5.81 24.62 5.25
N SER A 36 5.69 24.75 3.93
CA SER A 36 4.70 24.02 3.15
C SER A 36 5.16 22.57 2.99
N LEU A 37 4.51 21.66 3.71
CA LEU A 37 4.87 20.25 3.65
C LEU A 37 4.05 19.55 2.58
N HIS A 38 4.71 18.76 1.75
CA HIS A 38 4.03 17.89 0.80
C HIS A 38 4.64 16.51 0.89
N MET A 39 3.80 15.48 0.89
CA MET A 39 4.27 14.11 0.93
C MET A 39 3.59 13.27 -0.13
N HIS A 40 4.29 12.22 -0.53
CA HIS A 40 3.82 11.35 -1.59
C HIS A 40 4.29 9.95 -1.30
N GLN A 41 3.41 8.97 -1.54
CA GLN A 41 3.71 7.57 -1.35
C GLN A 41 3.65 6.84 -2.68
N GLY A 42 4.68 6.05 -2.97
CA GLY A 42 4.73 5.33 -4.22
C GLY A 42 5.63 4.12 -4.08
N THR A 43 5.90 3.49 -5.22
CA THR A 43 6.82 2.38 -5.20
C THR A 43 8.25 2.91 -5.04
N PRO A 44 9.15 2.10 -4.49
CA PRO A 44 10.53 2.57 -4.30
C PRO A 44 11.16 3.15 -5.57
N MET A 45 10.90 2.55 -6.73
CA MET A 45 11.46 3.09 -7.96
C MET A 45 10.88 4.47 -8.28
N GLN A 46 9.57 4.63 -8.09
CA GLN A 46 8.94 5.91 -8.39
C GLN A 46 9.49 7.01 -7.49
N ILE A 47 9.55 6.75 -6.18
CA ILE A 47 9.96 7.79 -5.24
C ILE A 47 11.45 8.09 -5.36
N ALA A 48 12.25 7.05 -5.62
CA ALA A 48 13.67 7.27 -5.83
C ALA A 48 13.91 8.15 -7.04
N GLU A 49 13.17 7.90 -8.13
CA GLU A 49 13.43 8.72 -9.30
C GLU A 49 12.84 10.12 -9.14
N MET A 50 11.80 10.28 -8.31
CA MET A 50 11.32 11.62 -8.06
C MET A 50 12.34 12.44 -7.28
N ALA A 51 13.00 11.85 -6.30
CA ALA A 51 14.04 12.59 -5.61
C ALA A 51 15.24 12.81 -6.51
N ALA A 52 15.57 11.83 -7.34
CA ALA A 52 16.78 11.91 -8.16
C ALA A 52 16.71 13.05 -9.17
N ASP A 53 15.54 13.30 -9.74
CA ASP A 53 15.43 14.35 -10.74
C ASP A 53 14.88 15.66 -10.17
N GLY A 54 14.80 15.80 -8.85
CA GLY A 54 14.40 17.04 -8.24
C GLY A 54 12.90 17.26 -8.12
N THR A 55 12.09 16.26 -8.45
CA THR A 55 10.65 16.43 -8.29
C THR A 55 10.28 16.69 -6.84
N VAL A 56 10.98 16.02 -5.92
CA VAL A 56 10.81 16.24 -4.49
C VAL A 56 12.20 16.39 -3.87
N ASP A 57 12.23 16.83 -2.61
CA ASP A 57 13.50 16.97 -1.91
C ASP A 57 14.08 15.61 -1.55
N PHE A 58 13.34 14.78 -0.82
CA PHE A 58 13.90 13.57 -0.22
C PHE A 58 13.10 12.33 -0.62
N ALA A 59 13.81 11.24 -0.87
CA ALA A 59 13.21 9.91 -0.92
C ALA A 59 13.69 9.13 0.29
N ILE A 60 12.79 8.39 0.93
CA ILE A 60 13.15 7.56 2.07
C ILE A 60 12.61 6.17 1.82
N ALA A 61 13.50 5.18 1.83
CA ALA A 61 13.10 3.80 1.62
C ALA A 61 14.29 2.91 1.88
N THR A 62 14.02 1.61 1.98
CA THR A 62 15.09 0.62 2.03
C THR A 62 15.57 0.26 0.63
N GLU A 63 14.63 0.16 -0.32
CA GLU A 63 14.97 -0.24 -1.67
C GLU A 63 15.07 0.86 -2.72
N ALA A 64 15.55 0.44 -3.88
CA ALA A 64 15.75 1.27 -5.07
C ALA A 64 16.65 2.51 -5.02
N LEU A 65 16.77 3.15 -3.86
CA LEU A 65 17.61 4.34 -3.73
C LEU A 65 19.02 4.10 -4.26
N GLU A 66 19.57 2.93 -3.92
CA GLU A 66 20.92 2.54 -4.34
C GLU A 66 21.14 2.60 -5.85
N LEU A 67 20.08 2.57 -6.65
CA LEU A 67 20.21 2.45 -8.09
C LEU A 67 20.36 3.78 -8.82
N PHE A 68 20.28 4.89 -8.11
CA PHE A 68 20.26 6.20 -8.76
C PHE A 68 21.54 6.96 -8.40
N GLY A 69 22.47 7.03 -9.36
CA GLY A 69 23.75 7.66 -9.11
C GLY A 69 23.66 9.15 -8.81
N ASP A 70 22.59 9.81 -9.26
CA ASP A 70 22.43 11.22 -8.98
C ASP A 70 22.03 11.51 -7.56
N LEU A 71 21.80 10.48 -6.74
CA LEU A 71 21.37 10.67 -5.36
C LEU A 71 22.55 10.65 -4.41
N ILE A 72 22.58 11.63 -3.50
CA ILE A 72 23.34 11.54 -2.26
C ILE A 72 22.50 10.68 -1.34
N MET A 73 22.85 9.41 -1.17
CA MET A 73 22.04 8.54 -0.34
C MET A 73 22.80 8.23 0.95
N MET A 74 22.08 8.26 2.06
CA MET A 74 22.64 8.26 3.39
C MET A 74 21.84 7.27 4.24
N PRO A 75 22.51 6.44 5.04
CA PRO A 75 21.79 5.46 5.85
C PRO A 75 21.13 6.11 7.04
N CYS A 76 19.91 5.68 7.33
CA CYS A 76 19.15 6.19 8.45
C CYS A 76 19.04 5.18 9.58
N TYR A 77 18.67 3.94 9.29
CA TYR A 77 18.64 2.98 10.39
C TYR A 77 18.70 1.55 9.85
N ARG A 78 19.02 0.63 10.75
CA ARG A 78 19.12 -0.78 10.42
C ARG A 78 17.95 -1.52 11.05
N TRP A 79 17.47 -2.56 10.36
CA TRP A 79 16.33 -3.32 10.84
C TRP A 79 16.40 -4.74 10.32
N ASN A 80 15.60 -5.61 10.92
CA ASN A 80 15.52 -6.99 10.50
C ASN A 80 14.07 -7.44 10.69
N ARG A 81 13.81 -8.73 10.44
CA ARG A 81 12.44 -9.23 10.29
C ARG A 81 11.87 -9.92 11.52
N CYS A 82 10.56 -10.01 11.50
CA CYS A 82 9.73 -10.76 12.43
C CYS A 82 8.86 -11.72 11.64
N VAL A 83 8.49 -12.81 12.27
CA VAL A 83 7.48 -13.74 11.79
C VAL A 83 6.24 -13.50 12.65
N ILE A 84 5.09 -13.32 12.02
CA ILE A 84 3.84 -13.06 12.74
C ILE A 84 2.86 -14.18 12.41
N VAL A 85 2.25 -14.75 13.45
CA VAL A 85 1.28 -15.84 13.27
C VAL A 85 0.15 -15.67 14.25
N PRO A 86 -1.03 -16.22 13.96
CA PRO A 86 -2.12 -16.19 14.94
C PRO A 86 -1.77 -16.97 16.19
N HIS A 87 -2.48 -16.66 17.27
CA HIS A 87 -2.24 -17.35 18.54
C HIS A 87 -2.41 -18.85 18.36
N GLY A 88 -1.56 -19.61 19.04
CA GLY A 88 -1.65 -21.06 18.96
C GLY A 88 -1.20 -21.66 17.66
N HIS A 89 -0.67 -20.87 16.72
CA HIS A 89 -0.19 -21.41 15.47
C HIS A 89 0.99 -22.34 15.75
N PRO A 90 1.17 -23.41 14.95
CA PRO A 90 2.23 -24.37 15.26
C PRO A 90 3.60 -23.76 15.48
N LEU A 91 3.96 -22.70 14.76
CA LEU A 91 5.27 -22.10 14.96
C LEU A 91 5.41 -21.49 16.35
N THR A 92 4.31 -21.17 17.02
CA THR A 92 4.40 -20.68 18.40
C THR A 92 4.79 -21.76 19.38
N LYS A 93 4.69 -23.04 18.99
CA LYS A 93 5.04 -24.11 19.91
C LYS A 93 6.53 -24.43 19.90
N LEU A 94 7.25 -24.01 18.87
CA LEU A 94 8.67 -24.34 18.73
C LEU A 94 9.50 -23.59 19.76
N PRO A 95 10.39 -24.26 20.49
CA PRO A 95 11.38 -23.54 21.31
C PRO A 95 12.04 -22.40 20.55
N LYS A 96 12.63 -22.72 19.39
CA LYS A 96 13.32 -21.71 18.59
C LYS A 96 12.94 -21.87 17.12
N LEU A 97 12.86 -20.73 16.43
CA LEU A 97 12.45 -20.71 15.03
C LEU A 97 13.63 -21.05 14.13
N THR A 98 13.40 -21.92 13.15
CA THR A 98 14.43 -22.22 12.17
C THR A 98 13.92 -21.90 10.79
N LEU A 99 14.85 -21.75 9.84
CA LEU A 99 14.44 -21.57 8.46
C LEU A 99 13.72 -22.80 7.95
N GLU A 100 14.10 -23.98 8.43
CA GLU A 100 13.46 -25.21 7.97
C GLU A 100 12.01 -25.27 8.43
N ALA A 101 11.74 -24.92 9.69
CA ALA A 101 10.37 -24.91 10.17
C ALA A 101 9.53 -23.88 9.42
N LEU A 102 10.13 -22.74 9.10
CA LEU A 102 9.43 -21.68 8.39
C LEU A 102 9.12 -22.09 6.96
N ALA A 103 10.04 -22.79 6.32
CA ALA A 103 9.87 -23.17 4.93
C ALA A 103 8.76 -24.19 4.75
N GLU A 104 8.33 -24.86 5.82
CA GLU A 104 7.23 -25.79 5.72
C GLU A 104 5.87 -25.10 5.80
N GLN A 105 5.83 -23.78 5.88
CA GLN A 105 4.55 -23.12 6.02
C GLN A 105 4.25 -22.26 4.80
N PRO A 106 2.97 -22.05 4.48
CA PRO A 106 2.63 -21.06 3.47
C PRO A 106 2.98 -19.68 4.00
N ILE A 107 3.56 -18.84 3.14
CA ILE A 107 4.14 -17.60 3.59
C ILE A 107 3.41 -16.42 2.97
N VAL A 108 3.21 -15.38 3.76
CA VAL A 108 2.64 -14.11 3.35
C VAL A 108 3.70 -13.05 3.61
N THR A 109 4.18 -12.42 2.56
CA THR A 109 5.30 -11.48 2.73
C THR A 109 5.32 -10.50 1.57
N TYR A 110 6.38 -9.69 1.51
CA TYR A 110 6.44 -8.61 0.54
C TYR A 110 6.68 -9.13 -0.87
N VAL A 111 6.14 -8.40 -1.84
CA VAL A 111 6.44 -8.65 -3.24
C VAL A 111 7.93 -8.50 -3.48
N PHE A 112 8.40 -9.10 -4.55
CA PHE A 112 9.81 -9.04 -4.88
C PHE A 112 10.26 -7.60 -5.09
N GLY A 113 11.37 -7.23 -4.48
CA GLY A 113 11.90 -5.90 -4.60
C GLY A 113 11.39 -4.89 -3.59
N PHE A 114 10.51 -5.29 -2.69
CA PHE A 114 9.98 -4.41 -1.66
C PHE A 114 10.52 -4.83 -0.30
N THR A 115 10.93 -3.84 0.48
CA THR A 115 11.10 -3.96 1.92
C THR A 115 11.97 -5.17 2.28
N GLY A 116 13.13 -5.27 1.64
CA GLY A 116 14.13 -6.26 2.03
C GLY A 116 13.82 -7.68 1.65
N ARG A 117 12.89 -7.91 0.74
CA ARG A 117 12.49 -9.25 0.33
C ARG A 117 13.68 -10.09 -0.14
N SER A 118 14.65 -9.46 -0.80
CA SER A 118 15.79 -10.19 -1.34
C SER A 118 16.56 -10.93 -0.25
N LYS A 119 16.61 -10.38 0.97
CA LYS A 119 17.33 -11.05 2.06
C LYS A 119 16.66 -12.36 2.43
N LEU A 120 15.33 -12.38 2.39
CA LEU A 120 14.58 -13.61 2.68
C LEU A 120 14.88 -14.65 1.61
N ASP A 121 14.82 -14.26 0.34
CA ASP A 121 15.12 -15.21 -0.72
C ASP A 121 16.55 -15.73 -0.60
N GLU A 122 17.49 -14.84 -0.29
CA GLU A 122 18.88 -15.26 -0.10
C GLU A 122 19.00 -16.31 0.99
N ALA A 123 18.40 -16.05 2.16
CA ALA A 123 18.49 -16.99 3.26
C ALA A 123 17.92 -18.35 2.87
N PHE A 124 16.77 -18.36 2.19
CA PHE A 124 16.19 -19.65 1.82
C PHE A 124 17.05 -20.38 0.79
N SER A 125 17.55 -19.67 -0.21
CA SER A 125 18.28 -20.35 -1.28
C SER A 125 19.62 -20.90 -0.80
N GLN A 126 20.28 -20.20 0.12
CA GLN A 126 21.57 -20.70 0.60
C GLN A 126 21.45 -22.03 1.34
N ARG A 127 20.26 -22.34 1.85
CA ARG A 127 20.03 -23.59 2.58
C ARG A 127 19.30 -24.61 1.72
N GLY A 128 19.12 -24.32 0.43
CA GLY A 128 18.36 -25.21 -0.43
C GLY A 128 16.91 -25.37 -0.05
N LEU A 129 16.27 -24.30 0.43
CA LEU A 129 14.86 -24.30 0.79
C LEU A 129 14.05 -23.44 -0.18
N VAL A 130 12.84 -23.89 -0.50
CA VAL A 130 11.94 -23.18 -1.41
C VAL A 130 10.73 -22.75 -0.58
N PRO A 131 10.58 -21.47 -0.27
CA PRO A 131 9.38 -21.02 0.44
C PRO A 131 8.15 -21.12 -0.45
N LYS A 132 7.03 -21.55 0.13
CA LYS A 132 5.73 -21.53 -0.53
C LYS A 132 5.09 -20.20 -0.20
N VAL A 133 5.28 -19.21 -1.07
CA VAL A 133 4.74 -17.87 -0.86
C VAL A 133 3.36 -17.81 -1.49
N VAL A 134 2.32 -17.77 -0.66
CA VAL A 134 0.95 -17.77 -1.16
C VAL A 134 0.35 -16.38 -1.31
N PHE A 135 0.98 -15.35 -0.75
CA PHE A 135 0.49 -13.98 -0.90
C PHE A 135 1.70 -13.06 -0.97
N THR A 136 1.94 -12.47 -2.14
CA THR A 136 2.94 -11.42 -2.28
C THR A 136 2.23 -10.06 -2.17
N ALA A 137 2.47 -9.36 -1.06
CA ALA A 137 1.79 -8.12 -0.76
C ALA A 137 2.74 -6.95 -0.91
N ALA A 138 2.15 -5.77 -1.12
CA ALA A 138 2.92 -4.53 -1.22
C ALA A 138 3.19 -3.87 0.12
N ASP A 139 2.36 -4.15 1.14
CA ASP A 139 2.51 -3.49 2.42
C ASP A 139 2.16 -4.46 3.55
N ALA A 140 2.59 -4.11 4.75
CA ALA A 140 2.39 -4.98 5.90
C ALA A 140 0.98 -4.92 6.45
N ASP A 141 0.17 -3.91 6.11
CA ASP A 141 -1.21 -3.95 6.56
C ASP A 141 -1.96 -5.09 5.90
N VAL A 142 -1.81 -5.25 4.58
CA VAL A 142 -2.40 -6.39 3.88
C VAL A 142 -1.84 -7.70 4.42
N ILE A 143 -0.51 -7.78 4.59
CA ILE A 143 0.10 -8.99 5.13
C ILE A 143 -0.57 -9.36 6.44
N LYS A 144 -0.72 -8.40 7.34
CA LYS A 144 -1.30 -8.71 8.63
C LYS A 144 -2.77 -9.10 8.53
N THR A 145 -3.54 -8.52 7.62
CA THR A 145 -4.92 -8.98 7.58
C THR A 145 -5.03 -10.42 7.08
N TYR A 146 -4.16 -10.83 6.16
CA TYR A 146 -4.27 -12.22 5.70
C TYR A 146 -3.60 -13.21 6.65
N VAL A 147 -2.64 -12.77 7.45
CA VAL A 147 -2.20 -13.63 8.54
C VAL A 147 -3.33 -13.80 9.56
N ARG A 148 -4.03 -12.72 9.89
CA ARG A 148 -5.12 -12.80 10.85
C ARG A 148 -6.21 -13.75 10.40
N LEU A 149 -6.57 -13.70 9.11
CA LEU A 149 -7.66 -14.57 8.68
C LEU A 149 -7.23 -16.02 8.51
N GLY A 150 -5.93 -16.31 8.63
CA GLY A 150 -5.46 -17.68 8.62
C GLY A 150 -4.82 -18.17 7.35
N LEU A 151 -4.42 -17.29 6.45
CA LEU A 151 -3.89 -17.71 5.16
C LEU A 151 -2.46 -18.21 5.26
N GLY A 152 -1.72 -17.84 6.30
CA GLY A 152 -0.38 -18.38 6.45
C GLY A 152 0.46 -17.56 7.40
N VAL A 153 1.76 -17.77 7.28
CA VAL A 153 2.77 -17.20 8.16
C VAL A 153 3.26 -15.89 7.57
N GLY A 154 3.21 -14.82 8.36
CA GLY A 154 3.66 -13.52 7.90
C GLY A 154 5.14 -13.29 8.19
N ILE A 155 5.82 -12.69 7.23
CA ILE A 155 7.20 -12.26 7.40
C ILE A 155 7.24 -10.77 7.10
N VAL A 156 7.51 -9.94 8.11
CA VAL A 156 7.43 -8.50 7.98
C VAL A 156 8.63 -7.85 8.65
N ALA A 157 8.92 -6.62 8.23
CA ALA A 157 9.91 -5.78 8.90
C ALA A 157 9.51 -5.56 10.36
N HIS A 158 10.51 -5.49 11.23
CA HIS A 158 10.23 -5.36 12.66
C HIS A 158 9.46 -4.09 12.98
N MET A 159 9.68 -2.99 12.26
CA MET A 159 8.97 -1.79 12.65
C MET A 159 7.51 -1.80 12.23
N ALA A 160 7.10 -2.81 11.48
CA ALA A 160 5.71 -2.94 11.07
C ALA A 160 4.84 -3.65 12.11
N VAL A 161 5.40 -4.08 13.23
CA VAL A 161 4.64 -4.84 14.21
C VAL A 161 5.14 -4.48 15.61
N ASP A 162 4.21 -4.48 16.57
CA ASP A 162 4.49 -4.07 17.95
C ASP A 162 3.79 -5.03 18.90
N PRO A 163 4.49 -5.54 19.92
CA PRO A 163 3.86 -6.57 20.79
C PRO A 163 2.56 -6.12 21.44
N LYS A 164 2.44 -4.84 21.77
CA LYS A 164 1.19 -4.37 22.38
C LYS A 164 0.17 -4.00 21.32
N LEU A 165 0.56 -3.22 20.32
CA LEU A 165 -0.37 -2.82 19.28
C LEU A 165 -0.94 -4.03 18.55
N ASP A 166 -0.11 -5.01 18.26
CA ASP A 166 -0.54 -6.22 17.53
C ASP A 166 -0.68 -7.42 18.47
N ASN A 167 -1.34 -7.24 19.62
CA ASN A 167 -1.50 -8.34 20.57
C ASN A 167 -2.30 -9.51 19.99
N ASP A 168 -3.11 -9.26 18.96
CA ASP A 168 -3.88 -10.36 18.38
C ASP A 168 -3.01 -11.29 17.56
N LEU A 169 -1.74 -10.96 17.37
CA LEU A 169 -0.78 -11.79 16.68
C LEU A 169 0.37 -12.11 17.62
N VAL A 170 1.05 -13.21 17.35
CA VAL A 170 2.26 -13.59 18.06
C VAL A 170 3.44 -13.25 17.18
N ILE A 171 4.39 -12.51 17.76
CA ILE A 171 5.59 -12.04 17.07
C ILE A 171 6.75 -12.91 17.49
N LEU A 172 7.39 -13.55 16.53
CA LEU A 172 8.60 -14.33 16.77
C LEU A 172 9.75 -13.65 16.06
N ASP A 173 10.83 -13.40 16.80
CA ASP A 173 11.97 -12.70 16.23
C ASP A 173 12.68 -13.60 15.23
N ALA A 174 12.93 -13.06 14.03
CA ALA A 174 13.59 -13.82 12.97
C ALA A 174 14.92 -13.24 12.54
N SER A 175 15.48 -12.30 13.31
CA SER A 175 16.69 -11.61 12.87
C SER A 175 17.92 -12.50 12.87
N HIS A 176 17.86 -13.67 13.52
CA HIS A 176 18.95 -14.65 13.43
C HIS A 176 18.90 -15.49 12.16
N LEU A 177 17.82 -15.39 11.38
CA LEU A 177 17.67 -16.14 10.15
C LEU A 177 17.92 -15.33 8.90
N PHE A 178 17.93 -14.01 9.00
CA PHE A 178 18.07 -13.16 7.83
C PHE A 178 19.10 -12.08 8.11
N GLU A 179 19.79 -11.67 7.05
CA GLU A 179 20.67 -10.53 7.15
C GLU A 179 19.84 -9.25 7.21
N SER A 180 20.30 -8.29 8.00
CA SER A 180 19.54 -7.07 8.21
C SER A 180 19.57 -6.18 6.97
N SER A 181 18.63 -5.25 6.92
CA SER A 181 18.50 -4.25 5.86
C SER A 181 18.66 -2.85 6.46
N VAL A 182 18.91 -1.87 5.60
CA VAL A 182 19.13 -0.50 6.02
C VAL A 182 18.18 0.43 5.27
N THR A 183 17.44 1.25 6.03
CA THR A 183 16.62 2.30 5.45
C THR A 183 17.46 3.55 5.27
N LYS A 184 17.34 4.16 4.08
CA LYS A 184 18.14 5.26 3.62
C LYS A 184 17.27 6.44 3.21
N ILE A 185 17.90 7.61 3.18
CA ILE A 185 17.33 8.86 2.68
C ILE A 185 18.22 9.38 1.57
N GLY A 186 17.60 10.00 0.57
CA GLY A 186 18.34 10.48 -0.58
C GLY A 186 17.80 11.79 -1.07
N PHE A 187 18.71 12.61 -1.61
CA PHE A 187 18.36 13.86 -2.28
C PHE A 187 19.29 14.02 -3.47
N ARG A 188 18.87 14.82 -4.45
CA ARG A 188 19.65 14.94 -5.67
C ARG A 188 20.94 15.71 -5.39
N ARG A 189 22.04 15.22 -5.94
CA ARG A 189 23.32 15.88 -5.70
C ARG A 189 23.30 17.26 -6.32
N GLY A 190 23.76 18.25 -5.55
CA GLY A 190 23.63 19.63 -5.91
C GLY A 190 22.46 20.35 -5.27
N THR A 191 21.67 19.64 -4.45
CA THR A 191 20.59 20.29 -3.73
C THR A 191 21.15 21.15 -2.62
N PHE A 192 20.60 22.35 -2.46
CA PHE A 192 20.95 23.19 -1.33
C PHE A 192 20.08 22.78 -0.15
N LEU A 193 20.73 22.40 0.95
CA LEU A 193 20.05 21.92 2.14
C LEU A 193 19.72 23.11 3.03
N ARG A 194 18.47 23.54 3.00
CA ARG A 194 18.03 24.62 3.87
C ARG A 194 17.97 24.12 5.32
N GLY A 195 17.90 25.09 6.24
CA GLY A 195 17.95 24.75 7.66
C GLY A 195 16.88 23.76 8.07
N PHE A 196 15.62 24.01 7.68
CA PHE A 196 14.55 23.11 8.08
C PHE A 196 14.68 21.74 7.43
N MET A 197 15.28 21.66 6.24
CA MET A 197 15.56 20.36 5.66
C MET A 197 16.53 19.57 6.52
N CYS A 198 17.61 20.23 6.97
CA CYS A 198 18.59 19.55 7.82
C CYS A 198 17.98 19.16 9.15
N ASP A 199 17.07 19.98 9.68
CA ASP A 199 16.41 19.59 10.92
C ASP A 199 15.48 18.41 10.72
N PHE A 200 14.81 18.32 9.57
CA PHE A 200 14.04 17.12 9.30
C PHE A 200 14.93 15.89 9.24
N ILE A 201 15.99 15.96 8.41
CA ILE A 201 16.92 14.83 8.30
C ILE A 201 17.41 14.39 9.67
N GLU A 202 17.83 15.36 10.49
CA GLU A 202 18.39 15.01 11.79
C GLU A 202 17.32 14.47 12.74
N LYS A 203 16.06 14.94 12.63
CA LYS A 203 14.99 14.32 13.41
C LYS A 203 14.78 12.86 12.98
N PHE A 204 14.90 12.58 11.69
CA PHE A 204 14.70 11.20 11.24
C PHE A 204 15.89 10.32 11.56
N ALA A 205 17.10 10.87 11.52
CA ALA A 205 18.33 10.11 11.73
C ALA A 205 19.31 10.98 12.49
N PRO A 206 19.35 10.85 13.82
CA PRO A 206 20.14 11.80 14.63
C PRO A 206 21.63 11.83 14.31
N HIS A 207 22.18 10.76 13.75
CA HIS A 207 23.60 10.77 13.41
C HIS A 207 23.91 11.65 12.21
N LEU A 208 22.92 11.98 11.40
CA LEU A 208 23.15 12.85 10.24
C LEU A 208 23.08 14.30 10.70
N THR A 209 24.12 14.70 11.43
CA THR A 209 24.26 16.06 11.88
C THR A 209 24.66 16.94 10.70
N ARG A 210 24.65 18.25 10.94
CA ARG A 210 25.04 19.19 9.90
C ARG A 210 26.52 19.07 9.57
N GLU A 211 27.34 18.78 10.59
CA GLU A 211 28.73 18.46 10.32
C GLU A 211 28.85 17.33 9.31
N LEU A 212 28.08 16.26 9.51
CA LEU A 212 28.16 15.13 8.61
C LEU A 212 27.52 15.45 7.26
N LEU A 213 26.40 16.18 7.27
CA LEU A 213 25.76 16.57 6.01
C LEU A 213 26.75 17.31 5.11
N ALA A 214 27.50 18.24 5.69
CA ALA A 214 28.44 19.04 4.93
C ALA A 214 29.58 18.22 4.35
N LYS A 215 29.81 17.02 4.86
CA LYS A 215 30.73 16.10 4.19
C LYS A 215 30.02 15.25 3.15
N ALA A 216 28.76 14.92 3.38
CA ALA A 216 28.03 14.05 2.46
C ALA A 216 27.76 14.75 1.14
N VAL A 217 27.50 16.06 1.17
CA VAL A 217 27.24 16.76 -0.10
C VAL A 217 28.46 16.77 -1.01
N GLN A 218 29.65 16.50 -0.49
CA GLN A 218 30.86 16.48 -1.31
C GLN A 218 31.07 15.17 -2.06
N CYS A 219 30.39 14.09 -1.67
CA CYS A 219 30.68 12.78 -2.23
C CYS A 219 30.22 12.71 -3.69
N HIS A 220 31.18 12.54 -4.60
CA HIS A 220 30.85 12.53 -6.02
C HIS A 220 30.18 11.26 -6.50
N ASN A 221 30.28 10.16 -5.74
CA ASN A 221 29.76 8.89 -6.20
C ASN A 221 29.59 7.96 -5.01
N LYS A 222 29.12 6.74 -5.28
CA LYS A 222 28.79 5.82 -4.20
C LYS A 222 30.03 5.40 -3.43
N ALA A 223 31.19 5.34 -4.10
CA ALA A 223 32.41 4.97 -3.40
C ALA A 223 32.75 5.96 -2.30
N GLU A 224 32.56 7.26 -2.56
CA GLU A 224 32.87 8.26 -1.54
C GLU A 224 31.85 8.26 -0.41
N LEU A 225 30.57 8.01 -0.71
CA LEU A 225 29.60 7.84 0.38
C LEU A 225 29.97 6.66 1.26
N ASP A 226 30.29 5.52 0.64
CA ASP A 226 30.65 4.33 1.41
C ASP A 226 31.88 4.60 2.26
N GLU A 227 32.85 5.36 1.73
CA GLU A 227 34.01 5.69 2.55
C GLU A 227 33.61 6.57 3.73
N LEU A 228 32.63 7.45 3.54
CA LEU A 228 32.24 8.34 4.62
C LEU A 228 31.45 7.62 5.71
N PHE A 229 30.58 6.68 5.33
CA PHE A 229 29.58 6.15 6.24
C PHE A 229 29.92 4.78 6.84
N ASP A 230 30.87 4.03 6.26
CA ASP A 230 31.08 2.67 6.74
C ASP A 230 31.48 2.62 8.20
N GLY A 231 32.24 3.61 8.66
CA GLY A 231 32.65 3.69 10.05
C GLY A 231 31.52 3.91 11.05
N ILE A 232 30.32 4.28 10.60
CA ILE A 232 29.32 4.88 11.47
C ILE A 232 28.31 3.83 11.91
N GLU A 233 27.93 3.89 13.18
CA GLU A 233 27.01 2.94 13.79
C GLU A 233 25.58 3.42 13.61
N LEU A 234 24.69 2.50 13.30
CA LEU A 234 23.32 2.90 13.02
C LEU A 234 22.37 2.46 14.12
N PRO A 235 21.32 3.23 14.39
CA PRO A 235 20.27 2.73 15.28
C PRO A 235 19.61 1.52 14.65
N VAL A 236 19.11 0.62 15.50
CA VAL A 236 18.47 -0.60 15.05
C VAL A 236 17.00 -0.58 15.46
N TYR A 237 16.11 -0.83 14.51
CA TYR A 237 14.69 -0.98 14.80
C TYR A 237 14.21 -2.35 14.33
N GLY B 6 -7.19 -27.93 -7.92
CA GLY B 6 -6.77 -26.92 -8.87
C GLY B 6 -6.11 -25.71 -8.20
N THR B 7 -6.03 -24.60 -8.93
CA THR B 7 -5.44 -23.37 -8.42
C THR B 7 -6.34 -22.17 -8.72
N LEU B 8 -6.44 -21.26 -7.77
CA LEU B 8 -7.12 -19.99 -7.97
C LEU B 8 -6.14 -18.88 -7.66
N SER B 9 -5.97 -17.96 -8.59
CA SER B 9 -4.90 -16.97 -8.54
C SER B 9 -5.50 -15.60 -8.78
N ILE B 10 -5.28 -14.69 -7.84
CA ILE B 10 -5.93 -13.37 -7.81
C ILE B 10 -4.85 -12.31 -7.67
N ALA B 11 -4.98 -11.25 -8.47
CA ALA B 11 -4.14 -10.06 -8.33
C ALA B 11 -5.05 -8.86 -8.12
N THR B 12 -4.78 -8.07 -7.09
CA THR B 12 -5.71 -7.03 -6.71
C THR B 12 -4.95 -5.89 -6.04
N THR B 13 -5.69 -4.98 -5.43
CA THR B 13 -5.16 -3.74 -4.88
C THR B 13 -5.31 -3.73 -3.36
N HIS B 14 -4.73 -2.71 -2.74
CA HIS B 14 -4.91 -2.52 -1.31
C HIS B 14 -6.39 -2.41 -0.95
N THR B 15 -7.14 -1.59 -1.68
CA THR B 15 -8.55 -1.39 -1.37
C THR B 15 -9.29 -2.71 -1.29
N GLN B 16 -9.13 -3.55 -2.31
CA GLN B 16 -9.89 -4.79 -2.34
C GLN B 16 -9.31 -5.83 -1.39
N ALA B 17 -7.99 -6.01 -1.40
CA ALA B 17 -7.38 -6.97 -0.50
C ALA B 17 -7.76 -6.69 0.94
N ARG B 18 -7.87 -5.42 1.30
CA ARG B 18 -8.00 -5.04 2.70
C ARG B 18 -9.44 -4.82 3.13
N TYR B 19 -10.34 -4.41 2.23
CA TYR B 19 -11.71 -4.10 2.66
C TYR B 19 -12.80 -4.94 1.99
N ALA B 20 -12.56 -5.51 0.83
CA ALA B 20 -13.62 -6.23 0.14
C ALA B 20 -13.45 -7.73 0.10
N LEU B 21 -12.22 -8.24 0.18
CA LEU B 21 -11.96 -9.66 -0.05
C LEU B 21 -11.80 -10.55 1.19
N PRO B 22 -11.47 -10.04 2.39
CA PRO B 22 -11.16 -10.98 3.47
C PRO B 22 -12.26 -11.97 3.81
N ASN B 23 -13.52 -11.54 3.86
CA ASN B 23 -14.58 -12.48 4.22
C ASN B 23 -14.85 -13.47 3.10
N VAL B 24 -14.77 -13.02 1.84
CA VAL B 24 -14.98 -13.98 0.75
C VAL B 24 -13.78 -14.93 0.64
N ILE B 25 -12.57 -14.49 0.98
CA ILE B 25 -11.42 -15.38 0.92
C ILE B 25 -11.50 -16.41 2.04
N SER B 26 -11.87 -15.98 3.25
CA SER B 26 -12.12 -16.93 4.32
C SER B 26 -13.15 -17.97 3.91
N GLY B 27 -14.30 -17.50 3.41
CA GLY B 27 -15.34 -18.42 2.99
C GLY B 27 -14.88 -19.37 1.91
N PHE B 28 -14.12 -18.86 0.93
CA PHE B 28 -13.59 -19.72 -0.13
C PHE B 28 -12.67 -20.78 0.45
N ILE B 29 -11.79 -20.39 1.37
CA ILE B 29 -10.83 -21.35 1.92
C ILE B 29 -11.56 -22.45 2.67
N LYS B 30 -12.58 -22.09 3.45
CA LYS B 30 -13.32 -23.12 4.16
C LYS B 30 -14.11 -24.00 3.19
N GLN B 31 -14.59 -23.44 2.09
CA GLN B 31 -15.36 -24.28 1.16
C GLN B 31 -14.44 -25.13 0.28
N TYR B 32 -13.28 -24.61 -0.11
CA TYR B 32 -12.35 -25.34 -0.97
C TYR B 32 -10.97 -25.45 -0.32
N PRO B 33 -10.82 -26.31 0.70
CA PRO B 33 -9.53 -26.43 1.38
C PRO B 33 -8.40 -26.90 0.48
N ASP B 34 -8.68 -27.61 -0.61
CA ASP B 34 -7.62 -28.20 -1.41
C ASP B 34 -7.42 -27.51 -2.76
N VAL B 35 -8.02 -26.36 -2.96
CA VAL B 35 -7.64 -25.49 -4.08
C VAL B 35 -6.46 -24.65 -3.65
N SER B 36 -5.42 -24.63 -4.46
CA SER B 36 -4.23 -23.86 -4.16
C SER B 36 -4.51 -22.40 -4.46
N LEU B 37 -4.65 -21.60 -3.40
CA LEU B 37 -4.94 -20.18 -3.53
C LEU B 37 -3.65 -19.38 -3.55
N HIS B 38 -3.53 -18.48 -4.52
CA HIS B 38 -2.43 -17.54 -4.56
C HIS B 38 -2.96 -16.13 -4.80
N MET B 39 -2.42 -15.17 -4.08
CA MET B 39 -2.83 -13.79 -4.23
C MET B 39 -1.62 -12.88 -4.36
N HIS B 40 -1.83 -11.75 -5.02
CA HIS B 40 -0.78 -10.77 -5.26
C HIS B 40 -1.40 -9.38 -5.23
N GLN B 41 -0.69 -8.43 -4.62
CA GLN B 41 -1.12 -7.04 -4.53
C GLN B 41 -0.15 -6.17 -5.29
N GLY B 42 -0.67 -5.31 -6.16
CA GLY B 42 0.15 -4.45 -6.97
C GLY B 42 -0.63 -3.25 -7.45
N THR B 43 -0.02 -2.47 -8.34
CA THR B 43 -0.72 -1.33 -8.88
C THR B 43 -1.78 -1.79 -9.86
N PRO B 44 -2.84 -1.01 -10.06
CA PRO B 44 -3.90 -1.44 -10.98
C PRO B 44 -3.39 -1.82 -12.37
N MET B 45 -2.39 -1.12 -12.89
CA MET B 45 -1.88 -1.48 -14.21
C MET B 45 -1.21 -2.84 -14.21
N GLN B 46 -0.37 -3.14 -13.21
CA GLN B 46 0.30 -4.43 -13.22
C GLN B 46 -0.71 -5.55 -13.04
N ILE B 47 -1.66 -5.40 -12.11
CA ILE B 47 -2.56 -6.52 -11.86
C ILE B 47 -3.49 -6.72 -13.04
N ALA B 48 -3.91 -5.63 -13.70
CA ALA B 48 -4.72 -5.79 -14.89
C ALA B 48 -3.96 -6.53 -15.97
N GLU B 49 -2.68 -6.18 -16.17
CA GLU B 49 -1.97 -6.86 -17.24
C GLU B 49 -1.58 -8.29 -16.84
N MET B 50 -1.46 -8.59 -15.55
CA MET B 50 -1.27 -9.96 -15.12
C MET B 50 -2.51 -10.80 -15.42
N ALA B 51 -3.70 -10.22 -15.27
CA ALA B 51 -4.88 -10.98 -15.68
C ALA B 51 -4.94 -11.12 -17.18
N ALA B 52 -4.60 -10.06 -17.91
CA ALA B 52 -4.77 -10.07 -19.36
C ALA B 52 -3.87 -11.09 -20.04
N ASP B 53 -2.65 -11.29 -19.54
CA ASP B 53 -1.74 -12.23 -20.18
C ASP B 53 -1.75 -13.60 -19.51
N GLY B 54 -2.71 -13.86 -18.63
CA GLY B 54 -2.87 -15.18 -18.04
C GLY B 54 -1.99 -15.52 -16.87
N THR B 55 -1.19 -14.57 -16.37
CA THR B 55 -0.35 -14.87 -15.21
C THR B 55 -1.17 -15.26 -14.01
N VAL B 56 -2.33 -14.62 -13.83
CA VAL B 56 -3.27 -14.98 -12.77
C VAL B 56 -4.62 -15.14 -13.43
N ASP B 57 -5.56 -15.76 -12.69
CA ASP B 57 -6.90 -15.91 -13.23
C ASP B 57 -7.63 -14.58 -13.24
N PHE B 58 -7.72 -13.90 -12.09
CA PHE B 58 -8.59 -12.75 -11.91
C PHE B 58 -7.82 -11.52 -11.44
N ALA B 59 -8.19 -10.36 -11.97
CA ALA B 59 -7.82 -9.06 -11.43
C ALA B 59 -9.06 -8.39 -10.86
N ILE B 60 -8.92 -7.75 -9.71
CA ILE B 60 -10.03 -7.02 -9.10
C ILE B 60 -9.54 -5.62 -8.75
N ALA B 61 -10.20 -4.61 -9.31
CA ALA B 61 -9.85 -3.23 -9.01
C ALA B 61 -10.89 -2.30 -9.62
N THR B 62 -10.87 -1.06 -9.17
CA THR B 62 -11.68 -0.01 -9.78
C THR B 62 -11.02 0.55 -11.03
N GLU B 63 -9.69 0.63 -11.00
CA GLU B 63 -8.95 1.21 -12.11
C GLU B 63 -8.27 0.25 -13.07
N ALA B 64 -7.85 0.83 -14.17
CA ALA B 64 -7.14 0.17 -15.28
C ALA B 64 -7.73 -1.02 -16.03
N LEU B 65 -8.64 -1.78 -15.43
CA LEU B 65 -9.16 -2.95 -16.11
C LEU B 65 -9.83 -2.58 -17.43
N GLU B 66 -10.56 -1.50 -17.48
CA GLU B 66 -11.18 -1.02 -18.68
C GLU B 66 -10.21 -0.82 -19.89
N LEU B 67 -8.92 -0.73 -19.64
CA LEU B 67 -7.95 -0.51 -20.72
C LEU B 67 -7.42 -1.78 -21.37
N PHE B 68 -7.85 -2.95 -20.96
CA PHE B 68 -7.32 -4.20 -21.51
C PHE B 68 -8.43 -4.91 -22.27
N GLY B 69 -8.38 -4.82 -23.60
CA GLY B 69 -9.41 -5.41 -24.43
C GLY B 69 -9.49 -6.91 -24.33
N ASP B 70 -8.40 -7.57 -23.94
CA ASP B 70 -8.36 -9.01 -23.79
C ASP B 70 -9.08 -9.50 -22.55
N LEU B 71 -9.59 -8.59 -21.71
CA LEU B 71 -10.24 -8.95 -20.47
C LEU B 71 -11.75 -9.01 -20.65
N ILE B 72 -12.36 -10.06 -20.13
CA ILE B 72 -13.79 -10.10 -19.82
C ILE B 72 -13.94 -9.35 -18.49
N MET B 73 -14.43 -8.13 -18.54
CA MET B 73 -14.55 -7.31 -17.35
C MET B 73 -16.01 -7.17 -16.94
N MET B 74 -16.27 -7.29 -15.64
CA MET B 74 -17.61 -7.43 -15.09
C MET B 74 -17.75 -6.56 -13.85
N PRO B 75 -18.83 -5.81 -13.70
CA PRO B 75 -18.98 -4.96 -12.52
C PRO B 75 -19.33 -5.77 -11.29
N CYS B 76 -18.72 -5.44 -10.16
CA CYS B 76 -18.92 -6.14 -8.90
C CYS B 76 -19.74 -5.35 -7.89
N TYR B 77 -19.39 -4.09 -7.64
CA TYR B 77 -20.18 -3.27 -6.73
C TYR B 77 -19.88 -1.80 -7.02
N ARG B 78 -20.75 -0.94 -6.52
CA ARG B 78 -20.62 0.49 -6.66
C ARG B 78 -20.28 1.10 -5.30
N TRP B 79 -19.49 2.15 -5.30
CA TRP B 79 -19.09 2.81 -4.06
C TRP B 79 -18.80 4.28 -4.35
N ASN B 80 -18.67 5.07 -3.29
CA ASN B 80 -18.34 6.49 -3.42
C ASN B 80 -17.48 6.90 -2.23
N ARG B 81 -17.17 8.20 -2.16
CA ARG B 81 -16.20 8.71 -1.20
C ARG B 81 -16.88 9.23 0.05
N CYS B 82 -16.10 9.26 1.13
CA CYS B 82 -16.45 9.95 2.35
C CYS B 82 -15.25 10.79 2.77
N VAL B 83 -15.55 11.82 3.55
CA VAL B 83 -14.53 12.68 4.14
C VAL B 83 -14.34 12.28 5.59
N ILE B 84 -13.09 12.09 6.00
CA ILE B 84 -12.75 11.70 7.36
C ILE B 84 -11.91 12.81 7.97
N VAL B 85 -12.28 13.25 9.18
CA VAL B 85 -11.56 14.29 9.89
C VAL B 85 -11.50 13.93 11.36
N PRO B 86 -10.53 14.47 12.10
CA PRO B 86 -10.55 14.25 13.55
C PRO B 86 -11.78 14.88 14.18
N HIS B 87 -12.14 14.40 15.37
CA HIS B 87 -13.27 14.98 16.09
C HIS B 87 -13.05 16.47 16.30
N GLY B 88 -14.14 17.21 16.27
CA GLY B 88 -14.11 18.64 16.48
C GLY B 88 -13.54 19.46 15.35
N HIS B 89 -13.21 18.82 14.22
CA HIS B 89 -12.72 19.55 13.07
C HIS B 89 -13.82 20.46 12.53
N PRO B 90 -13.45 21.62 11.98
CA PRO B 90 -14.48 22.58 11.51
C PRO B 90 -15.51 22.00 10.55
N LEU B 91 -15.13 21.07 9.67
CA LEU B 91 -16.09 20.53 8.72
C LEU B 91 -17.21 19.76 9.39
N THR B 92 -16.99 19.28 10.61
CA THR B 92 -18.06 18.60 11.33
C THR B 92 -19.17 19.56 11.74
N LYS B 93 -18.88 20.87 11.80
CA LYS B 93 -19.90 21.86 12.13
C LYS B 93 -20.83 22.17 10.96
N LEU B 94 -20.55 21.68 9.77
CA LEU B 94 -21.38 22.03 8.63
C LEU B 94 -22.59 21.10 8.56
N PRO B 95 -23.79 21.65 8.41
CA PRO B 95 -24.98 20.83 8.12
C PRO B 95 -24.72 19.80 7.04
N LYS B 96 -24.26 20.28 5.90
CA LYS B 96 -23.95 19.39 4.78
C LYS B 96 -22.66 19.87 4.12
N LEU B 97 -21.92 18.92 3.58
CA LEU B 97 -20.59 19.20 3.06
C LEU B 97 -20.71 19.78 1.65
N THR B 98 -19.88 20.79 1.36
CA THR B 98 -19.83 21.35 0.03
C THR B 98 -18.42 21.22 -0.53
N LEU B 99 -18.32 21.32 -1.86
CA LEU B 99 -17.02 21.25 -2.52
C LEU B 99 -16.17 22.47 -2.17
N GLU B 100 -16.81 23.63 -2.00
CA GLU B 100 -16.08 24.84 -1.66
C GLU B 100 -15.46 24.73 -0.27
N ALA B 101 -16.21 24.18 0.69
CA ALA B 101 -15.65 23.99 2.03
C ALA B 101 -14.46 23.05 2.01
N LEU B 102 -14.51 22.02 1.17
CA LEU B 102 -13.38 21.10 1.08
C LEU B 102 -12.17 21.76 0.42
N ALA B 103 -12.41 22.59 -0.59
CA ALA B 103 -11.31 23.14 -1.35
C ALA B 103 -10.44 24.10 -0.56
N GLU B 104 -10.95 24.67 0.54
CA GLU B 104 -10.12 25.54 1.36
C GLU B 104 -9.35 24.77 2.43
N GLN B 105 -9.38 23.46 2.42
CA GLN B 105 -8.68 22.68 3.43
C GLN B 105 -7.52 21.90 2.81
N PRO B 106 -6.51 21.58 3.60
CA PRO B 106 -5.50 20.62 3.15
C PRO B 106 -6.10 19.23 3.03
N ILE B 107 -5.80 18.53 1.95
CA ILE B 107 -6.46 17.27 1.63
C ILE B 107 -5.43 16.15 1.61
N VAL B 108 -5.81 15.00 2.15
CA VAL B 108 -5.02 13.78 2.11
C VAL B 108 -5.85 12.74 1.36
N THR B 109 -5.37 12.28 0.22
CA THR B 109 -6.16 11.36 -0.59
C THR B 109 -5.25 10.57 -1.53
N TYR B 110 -5.86 9.82 -2.43
CA TYR B 110 -5.14 8.91 -3.30
C TYR B 110 -4.36 9.66 -4.38
N VAL B 111 -3.25 9.05 -4.80
CA VAL B 111 -2.51 9.50 -5.97
C VAL B 111 -3.39 9.45 -7.22
N PHE B 112 -2.96 10.20 -8.24
CA PHE B 112 -3.60 10.16 -9.54
C PHE B 112 -3.66 8.73 -10.05
N GLY B 113 -4.83 8.33 -10.52
CA GLY B 113 -4.99 7.03 -11.13
C GLY B 113 -5.33 5.90 -10.17
N PHE B 114 -5.42 6.16 -8.87
CA PHE B 114 -5.76 5.16 -7.88
C PHE B 114 -7.14 5.43 -7.30
N THR B 115 -7.95 4.38 -7.19
CA THR B 115 -9.11 4.34 -6.31
C THR B 115 -10.05 5.54 -6.53
N GLY B 116 -10.38 5.78 -7.79
CA GLY B 116 -11.39 6.77 -8.13
C GLY B 116 -10.98 8.22 -7.96
N ARG B 117 -9.69 8.48 -7.81
CA ARG B 117 -9.21 9.86 -7.66
C ARG B 117 -9.70 10.75 -8.79
N SER B 118 -9.82 10.19 -10.00
CA SER B 118 -10.29 10.96 -11.14
C SER B 118 -11.66 11.55 -10.92
N LYS B 119 -12.52 10.88 -10.14
CA LYS B 119 -13.84 11.44 -9.88
C LYS B 119 -13.74 12.67 -8.99
N LEU B 120 -12.78 12.67 -8.06
CA LEU B 120 -12.52 13.85 -7.24
C LEU B 120 -12.00 14.99 -8.12
N ASP B 121 -11.02 14.69 -8.98
CA ASP B 121 -10.47 15.72 -9.84
C ASP B 121 -11.54 16.31 -10.74
N GLU B 122 -12.38 15.46 -11.32
CA GLU B 122 -13.49 15.92 -12.16
C GLU B 122 -14.42 16.83 -11.39
N ALA B 123 -14.87 16.38 -10.21
CA ALA B 123 -15.83 17.17 -9.45
C ALA B 123 -15.27 18.55 -9.12
N PHE B 124 -14.02 18.61 -8.66
CA PHE B 124 -13.43 19.91 -8.32
C PHE B 124 -13.24 20.78 -9.55
N SER B 125 -12.74 20.21 -10.65
CA SER B 125 -12.47 21.05 -11.80
C SER B 125 -13.76 21.57 -12.42
N GLN B 126 -14.86 20.80 -12.31
CA GLN B 126 -16.14 21.28 -12.83
C GLN B 126 -16.59 22.56 -12.12
N ARG B 127 -16.13 22.82 -10.92
CA ARG B 127 -16.51 24.02 -10.19
C ARG B 127 -15.42 25.07 -10.18
N GLY B 128 -14.36 24.87 -10.96
CA GLY B 128 -13.24 25.80 -10.93
C GLY B 128 -12.57 25.87 -9.59
N LEU B 129 -12.51 24.76 -8.87
CA LEU B 129 -11.84 24.69 -7.58
C LEU B 129 -10.58 23.84 -7.69
N VAL B 130 -9.54 24.25 -6.99
CA VAL B 130 -8.26 23.56 -7.01
C VAL B 130 -8.05 22.97 -5.62
N PRO B 131 -8.15 21.66 -5.45
CA PRO B 131 -7.85 21.05 -4.15
C PRO B 131 -6.39 21.28 -3.78
N LYS B 132 -6.16 21.60 -2.51
CA LYS B 132 -4.79 21.61 -1.98
C LYS B 132 -4.51 20.21 -1.41
N VAL B 133 -3.94 19.34 -2.23
CA VAL B 133 -3.63 17.97 -1.82
C VAL B 133 -2.22 17.95 -1.26
N VAL B 134 -2.09 17.81 0.06
CA VAL B 134 -0.78 17.85 0.70
C VAL B 134 -0.17 16.47 0.89
N PHE B 135 -0.94 15.41 0.73
CA PHE B 135 -0.42 14.05 0.83
C PHE B 135 -1.13 13.23 -0.24
N THR B 136 -0.41 12.86 -1.29
CA THR B 136 -0.94 11.92 -2.27
C THR B 136 -0.48 10.53 -1.83
N ALA B 137 -1.42 9.72 -1.36
CA ALA B 137 -1.08 8.42 -0.81
C ALA B 137 -1.55 7.32 -1.74
N ALA B 138 -0.92 6.17 -1.63
CA ALA B 138 -1.31 5.02 -2.42
C ALA B 138 -2.42 4.21 -1.77
N ASP B 139 -2.56 4.27 -0.44
CA ASP B 139 -3.57 3.47 0.23
C ASP B 139 -4.20 4.25 1.37
N ALA B 140 -5.35 3.75 1.82
CA ALA B 140 -6.12 4.42 2.86
C ALA B 140 -5.57 4.20 4.26
N ASP B 141 -4.71 3.21 4.47
CA ASP B 141 -4.10 3.08 5.79
C ASP B 141 -3.18 4.26 6.07
N VAL B 142 -2.34 4.62 5.09
CA VAL B 142 -1.50 5.80 5.22
C VAL B 142 -2.36 7.07 5.34
N ILE B 143 -3.38 7.18 4.48
CA ILE B 143 -4.28 8.34 4.53
C ILE B 143 -4.82 8.52 5.93
N LYS B 144 -5.34 7.44 6.52
CA LYS B 144 -5.95 7.56 7.83
C LYS B 144 -4.91 7.89 8.91
N THR B 145 -3.67 7.39 8.81
CA THR B 145 -2.74 7.76 9.87
C THR B 145 -2.37 9.24 9.77
N TYR B 146 -2.30 9.80 8.56
CA TYR B 146 -1.96 11.22 8.53
C TYR B 146 -3.16 12.13 8.78
N VAL B 147 -4.39 11.66 8.57
CA VAL B 147 -5.55 12.38 9.06
C VAL B 147 -5.56 12.38 10.58
N ARG B 148 -5.31 11.22 11.19
CA ARG B 148 -5.23 11.14 12.65
C ARG B 148 -4.14 12.03 13.18
N LEU B 149 -3.04 12.16 12.44
CA LEU B 149 -1.91 12.97 12.88
C LEU B 149 -2.19 14.46 12.79
N GLY B 150 -3.28 14.87 12.14
CA GLY B 150 -3.63 16.27 12.06
C GLY B 150 -3.19 16.94 10.78
N LEU B 151 -2.77 16.17 9.78
CA LEU B 151 -2.20 16.78 8.60
C LEU B 151 -3.26 17.39 7.67
N GLY B 152 -4.51 16.94 7.75
CA GLY B 152 -5.53 17.54 6.93
C GLY B 152 -6.77 16.66 6.82
N VAL B 153 -7.53 16.91 5.78
CA VAL B 153 -8.82 16.28 5.55
C VAL B 153 -8.64 15.07 4.64
N GLY B 154 -9.12 13.91 5.07
CA GLY B 154 -9.04 12.71 4.26
C GLY B 154 -10.25 12.52 3.37
N ILE B 155 -10.01 12.10 2.14
CA ILE B 155 -11.07 11.73 1.20
C ILE B 155 -10.77 10.29 0.78
N VAL B 156 -11.63 9.35 1.18
CA VAL B 156 -11.35 7.93 0.98
C VAL B 156 -12.60 7.20 0.50
N ALA B 157 -12.38 6.03 -0.10
CA ALA B 157 -13.47 5.14 -0.43
C ALA B 157 -14.26 4.79 0.82
N HIS B 158 -15.59 4.71 0.68
CA HIS B 158 -16.44 4.49 1.84
C HIS B 158 -16.11 3.17 2.55
N MET B 159 -15.67 2.16 1.80
CA MET B 159 -15.35 0.89 2.46
C MET B 159 -14.02 0.94 3.20
N ALA B 160 -13.24 2.01 3.07
CA ALA B 160 -11.96 2.12 3.74
C ALA B 160 -12.06 2.60 5.17
N VAL B 161 -13.26 2.83 5.70
CA VAL B 161 -13.43 3.35 7.04
C VAL B 161 -14.66 2.67 7.66
N ASP B 162 -14.60 2.46 8.97
CA ASP B 162 -15.65 1.69 9.63
C ASP B 162 -16.08 2.47 10.87
N PRO B 163 -17.37 2.75 11.03
CA PRO B 163 -17.82 3.55 12.17
C PRO B 163 -17.44 2.95 13.52
N LYS B 164 -17.35 1.62 13.62
CA LYS B 164 -16.93 1.01 14.87
C LYS B 164 -15.42 0.97 15.02
N LEU B 165 -14.71 0.42 14.02
CA LEU B 165 -13.26 0.32 14.09
C LEU B 165 -12.60 1.68 14.12
N ASP B 166 -13.04 2.62 13.29
CA ASP B 166 -12.41 3.93 13.17
C ASP B 166 -13.18 4.97 13.97
N ASN B 167 -13.42 4.58 15.23
CA ASN B 167 -14.18 5.38 16.18
C ASN B 167 -13.58 6.77 16.41
N ASP B 168 -12.27 6.90 16.25
CA ASP B 168 -11.60 8.18 16.49
C ASP B 168 -11.73 9.18 15.34
N LEU B 169 -12.34 8.81 14.24
CA LEU B 169 -12.50 9.71 13.10
C LEU B 169 -13.98 9.98 12.88
N VAL B 170 -14.26 11.15 12.31
CA VAL B 170 -15.61 11.53 11.94
C VAL B 170 -15.75 11.32 10.44
N ILE B 171 -16.79 10.57 10.05
CA ILE B 171 -17.08 10.26 8.66
C ILE B 171 -18.23 11.15 8.24
N LEU B 172 -17.98 11.98 7.24
CA LEU B 172 -18.99 12.85 6.66
C LEU B 172 -19.24 12.40 5.24
N ASP B 173 -20.52 12.29 4.89
CA ASP B 173 -20.91 11.79 3.57
C ASP B 173 -20.55 12.81 2.49
N ALA B 174 -19.84 12.36 1.47
CA ALA B 174 -19.47 13.20 0.36
C ALA B 174 -20.05 12.70 -0.95
N SER B 175 -20.93 11.70 -0.90
CA SER B 175 -21.40 11.05 -2.12
C SER B 175 -22.30 11.94 -2.96
N HIS B 176 -22.83 13.03 -2.41
CA HIS B 176 -23.55 13.99 -3.22
C HIS B 176 -22.62 14.94 -3.97
N LEU B 177 -21.32 14.89 -3.70
CA LEU B 177 -20.34 15.74 -4.35
C LEU B 177 -19.55 15.04 -5.44
N PHE B 178 -19.58 13.72 -5.50
CA PHE B 178 -18.77 13.00 -6.46
C PHE B 178 -19.61 11.94 -7.17
N GLU B 179 -19.24 11.69 -8.42
CA GLU B 179 -19.82 10.59 -9.16
C GLU B 179 -19.28 9.28 -8.61
N SER B 180 -20.13 8.26 -8.57
CA SER B 180 -19.74 7.01 -7.95
C SER B 180 -18.73 6.26 -8.83
N SER B 181 -18.05 5.31 -8.20
CA SER B 181 -17.09 4.43 -8.86
C SER B 181 -17.60 3.00 -8.78
N VAL B 182 -17.09 2.16 -9.68
CA VAL B 182 -17.50 0.76 -9.74
C VAL B 182 -16.25 -0.10 -9.70
N THR B 183 -16.22 -1.08 -8.80
CA THR B 183 -15.14 -2.04 -8.75
C THR B 183 -15.44 -3.20 -9.71
N LYS B 184 -14.41 -3.63 -10.43
CA LYS B 184 -14.57 -4.65 -11.47
C LYS B 184 -13.67 -5.85 -11.21
N ILE B 185 -14.05 -6.96 -11.82
CA ILE B 185 -13.26 -8.18 -11.88
C ILE B 185 -13.06 -8.51 -13.36
N GLY B 186 -11.88 -9.00 -13.68
CA GLY B 186 -11.55 -9.28 -15.07
C GLY B 186 -10.72 -10.54 -15.17
N PHE B 187 -10.95 -11.26 -16.25
CA PHE B 187 -10.14 -12.44 -16.57
C PHE B 187 -9.99 -12.48 -18.07
N ARG B 188 -8.96 -13.18 -18.53
CA ARG B 188 -8.62 -13.15 -19.94
C ARG B 188 -9.66 -13.90 -20.75
N ARG B 189 -10.04 -13.33 -21.88
CA ARG B 189 -11.04 -13.95 -22.73
C ARG B 189 -10.50 -15.26 -23.26
N GLY B 190 -11.30 -16.31 -23.17
CA GLY B 190 -10.84 -17.65 -23.46
C GLY B 190 -10.47 -18.46 -22.24
N THR B 191 -10.57 -17.89 -21.05
CA THR B 191 -10.33 -18.67 -19.83
C THR B 191 -11.48 -19.62 -19.61
N PHE B 192 -11.15 -20.85 -19.23
CA PHE B 192 -12.17 -21.79 -18.81
C PHE B 192 -12.47 -21.56 -17.34
N LEU B 193 -13.73 -21.29 -17.03
CA LEU B 193 -14.13 -20.98 -15.66
C LEU B 193 -14.50 -22.27 -14.96
N ARG B 194 -13.58 -22.79 -14.14
CA ARG B 194 -13.87 -23.98 -13.36
C ARG B 194 -14.88 -23.65 -12.27
N GLY B 195 -15.47 -24.70 -11.69
CA GLY B 195 -16.52 -24.52 -10.70
C GLY B 195 -16.11 -23.65 -9.54
N PHE B 196 -14.93 -23.91 -8.97
CA PHE B 196 -14.50 -23.14 -7.81
C PHE B 196 -14.22 -21.68 -8.17
N MET B 197 -13.80 -21.41 -9.41
CA MET B 197 -13.64 -20.04 -9.83
C MET B 197 -14.99 -19.32 -9.84
N CYS B 198 -16.00 -19.96 -10.42
CA CYS B 198 -17.31 -19.32 -10.47
C CYS B 198 -17.87 -19.13 -9.07
N ASP B 199 -17.60 -20.07 -8.17
CA ASP B 199 -18.07 -19.92 -6.81
C ASP B 199 -17.36 -18.77 -6.10
N PHE B 200 -16.08 -18.56 -6.39
CA PHE B 200 -15.39 -17.39 -5.86
C PHE B 200 -16.03 -16.10 -6.38
N ILE B 201 -16.14 -15.97 -7.71
CA ILE B 201 -16.74 -14.78 -8.30
C ILE B 201 -18.10 -14.51 -7.69
N GLU B 202 -18.93 -15.54 -7.59
CA GLU B 202 -20.29 -15.36 -7.10
C GLU B 202 -20.31 -14.96 -5.63
N LYS B 203 -19.38 -15.46 -4.83
CA LYS B 203 -19.27 -14.95 -3.47
C LYS B 203 -18.87 -13.49 -3.46
N PHE B 204 -17.98 -13.08 -4.36
CA PHE B 204 -17.56 -11.69 -4.37
C PHE B 204 -18.65 -10.78 -4.94
N ALA B 205 -19.44 -11.28 -5.88
CA ALA B 205 -20.46 -10.47 -6.54
C ALA B 205 -21.65 -11.36 -6.85
N PRO B 206 -22.64 -11.42 -5.96
CA PRO B 206 -23.72 -12.41 -6.11
C PRO B 206 -24.52 -12.28 -7.39
N HIS B 207 -24.55 -11.11 -8.02
CA HIS B 207 -25.29 -11.01 -9.27
C HIS B 207 -24.59 -11.73 -10.41
N LEU B 208 -23.29 -12.00 -10.29
CA LEU B 208 -22.57 -12.73 -11.34
C LEU B 208 -22.77 -14.23 -11.10
N THR B 209 -23.98 -14.68 -11.40
CA THR B 209 -24.35 -16.08 -11.34
C THR B 209 -23.74 -16.82 -12.54
N ARG B 210 -23.84 -18.15 -12.49
CA ARG B 210 -23.27 -18.94 -13.58
C ARG B 210 -23.99 -18.69 -14.90
N GLU B 211 -25.30 -18.46 -14.84
CA GLU B 211 -26.01 -18.07 -16.05
C GLU B 211 -25.40 -16.81 -16.65
N LEU B 212 -25.17 -15.81 -15.80
CA LEU B 212 -24.63 -14.54 -16.29
C LEU B 212 -23.20 -14.70 -16.76
N LEU B 213 -22.38 -15.48 -16.03
CA LEU B 213 -21.02 -15.77 -16.50
C LEU B 213 -21.04 -16.42 -17.88
N ALA B 214 -21.95 -17.39 -18.06
CA ALA B 214 -22.08 -18.10 -19.33
C ALA B 214 -22.52 -17.19 -20.45
N LYS B 215 -23.11 -16.03 -20.14
CA LYS B 215 -23.28 -15.04 -21.19
C LYS B 215 -22.08 -14.09 -21.33
N ALA B 216 -21.40 -13.79 -20.23
CA ALA B 216 -20.29 -12.85 -20.28
C ALA B 216 -19.11 -13.39 -21.08
N VAL B 217 -18.84 -14.69 -20.98
CA VAL B 217 -17.71 -15.27 -21.72
C VAL B 217 -17.92 -15.15 -23.23
N GLN B 218 -19.15 -14.91 -23.68
CA GLN B 218 -19.42 -14.76 -25.11
C GLN B 218 -19.10 -13.39 -25.63
N CYS B 219 -18.99 -12.38 -24.76
CA CYS B 219 -18.86 -11.00 -25.21
C CYS B 219 -17.48 -10.75 -25.82
N HIS B 220 -17.45 -10.45 -27.13
CA HIS B 220 -16.19 -10.30 -27.84
C HIS B 220 -15.48 -8.98 -27.54
N ASN B 221 -16.17 -8.00 -26.95
CA ASN B 221 -15.56 -6.69 -26.75
C ASN B 221 -16.36 -5.92 -25.71
N LYS B 222 -15.89 -4.69 -25.45
CA LYS B 222 -16.50 -3.86 -24.42
C LYS B 222 -17.93 -3.48 -24.78
N ALA B 223 -18.24 -3.32 -26.07
CA ALA B 223 -19.61 -2.98 -26.46
C ALA B 223 -20.60 -4.07 -26.09
N GLU B 224 -20.23 -5.34 -26.31
CA GLU B 224 -21.12 -6.43 -25.98
C GLU B 224 -21.22 -6.61 -24.46
N LEU B 225 -20.11 -6.37 -23.75
CA LEU B 225 -20.16 -6.39 -22.29
C LEU B 225 -21.11 -5.32 -21.76
N ASP B 226 -20.97 -4.09 -22.28
CA ASP B 226 -21.85 -2.99 -21.86
C ASP B 226 -23.30 -3.30 -22.17
N GLU B 227 -23.58 -3.92 -23.32
CA GLU B 227 -24.96 -4.27 -23.58
C GLU B 227 -25.46 -5.32 -22.60
N LEU B 228 -24.58 -6.20 -22.13
CA LEU B 228 -25.04 -7.24 -21.21
C LEU B 228 -25.28 -6.67 -19.81
N PHE B 229 -24.44 -5.75 -19.35
CA PHE B 229 -24.40 -5.37 -17.95
C PHE B 229 -25.17 -4.09 -17.60
N ASP B 230 -25.52 -3.27 -18.59
CA ASP B 230 -26.13 -1.98 -18.28
C ASP B 230 -27.44 -2.13 -17.51
N GLY B 231 -28.21 -3.17 -17.80
CA GLY B 231 -29.49 -3.38 -17.14
C GLY B 231 -29.44 -3.69 -15.64
N ILE B 232 -28.26 -4.05 -15.09
CA ILE B 232 -28.18 -4.70 -13.79
C ILE B 232 -27.81 -3.70 -12.70
N GLU B 233 -28.44 -3.86 -11.54
CA GLU B 233 -28.16 -3.02 -10.39
C GLU B 233 -27.07 -3.64 -9.56
N LEU B 234 -26.23 -2.81 -9.00
CA LEU B 234 -25.11 -3.28 -8.23
C LEU B 234 -25.33 -3.00 -6.76
N PRO B 235 -24.86 -3.85 -5.87
CA PRO B 235 -24.84 -3.47 -4.45
C PRO B 235 -23.93 -2.28 -4.26
N VAL B 236 -24.23 -1.48 -3.23
CA VAL B 236 -23.46 -0.27 -2.93
C VAL B 236 -22.79 -0.42 -1.58
N TYR B 237 -21.49 -0.13 -1.53
CA TYR B 237 -20.76 -0.14 -0.27
C TYR B 237 -20.11 1.20 0.01
S SO4 C . 10.83 0.20 2.67
O1 SO4 C . 9.52 -0.40 2.49
O2 SO4 C . 11.60 0.12 1.46
O3 SO4 C . 11.50 -0.48 3.77
O4 SO4 C . 10.66 1.60 3.04
S SO4 D . 23.39 -8.72 10.28
O1 SO4 D . 23.93 -8.68 8.93
O2 SO4 D . 22.06 -9.35 10.24
O3 SO4 D . 23.28 -7.37 10.80
O4 SO4 D . 24.28 -9.49 11.14
S SO4 E . 20.78 -3.04 2.46
O1 SO4 E . 19.40 -2.84 2.92
O2 SO4 E . 20.81 -4.06 1.40
O3 SO4 E . 21.34 -1.78 1.93
O4 SO4 E . 21.63 -3.47 3.57
S SO4 F . 17.08 29.23 5.00
O1 SO4 F . 15.63 29.09 5.12
O2 SO4 F . 17.49 28.81 3.66
O3 SO4 F . 17.47 30.61 5.22
O4 SO4 F . 17.77 28.35 5.97
S SO4 G . 20.63 6.40 -13.23
O1 SO4 G . 21.04 6.73 -14.61
O2 SO4 G . 19.66 5.29 -13.23
O3 SO4 G . 20.01 7.57 -12.62
O4 SO4 G . 21.85 6.02 -12.49
S SO4 H . -9.25 0.16 -6.24
O1 SO4 H . -9.37 -1.29 -6.15
O2 SO4 H . -10.50 0.74 -5.79
O3 SO4 H . -8.94 0.50 -7.61
O4 SO4 H . -8.20 0.63 -5.33
S SO4 I . -23.80 8.62 -9.28
O1 SO4 I . -24.74 7.56 -8.92
O2 SO4 I . -24.46 9.60 -10.16
O3 SO4 I . -22.66 8.05 -9.98
O4 SO4 I . -23.35 9.30 -8.06
S SO4 J . -13.88 -28.61 -12.34
O1 SO4 J . -15.01 -28.45 -11.41
O2 SO4 J . -13.85 -30.01 -12.81
O3 SO4 J . -14.07 -27.72 -13.49
O4 SO4 J . -12.64 -28.26 -11.67
S SO4 K . -16.49 3.86 -13.11
O1 SO4 K . -17.75 4.40 -12.57
O2 SO4 K . -16.84 2.79 -14.06
O3 SO4 K . -15.82 4.94 -13.85
O4 SO4 K . -15.64 3.36 -12.03
C1 GOL L . -17.57 -7.08 -1.60
O1 GOL L . -17.97 -8.40 -1.25
C2 GOL L . -17.87 -6.14 -0.44
O2 GOL L . -17.43 -6.72 0.76
C3 GOL L . -17.16 -4.81 -0.65
O3 GOL L . -16.95 -4.14 0.58
#